data_2QL7
#
_entry.id   2QL7
#
_cell.length_a   87.942
_cell.length_b   87.942
_cell.length_c   187.551
_cell.angle_alpha   90.00
_cell.angle_beta   90.00
_cell.angle_gamma   120.00
#
_symmetry.space_group_name_H-M   'P 32 2 1'
#
loop_
_entity.id
_entity.type
_entity.pdbx_description
1 polymer Caspase-7
2 polymer Caspase-7
3 polymer 'Inhibitor AC-IEPD_CHO'
4 polymer QGHGE
5 non-polymer 'CITRIC ACID'
6 water water
#
loop_
_entity_poly.entity_id
_entity_poly.type
_entity_poly.pdbx_seq_one_letter_code
_entity_poly.pdbx_strand_id
1 'polypeptide(L)'
;AKPDRSSFVPSLFSKKKKNVTMRSIKTTRDRVPTYQYNMNFEKLGKCIIINNKNFDKVTGMGVRNGTDKDAEALFKCFRS
LGFDVIVYNDCSCAKMQDLLKKASEEDHTNAACFACILLSHGEENVIYGKDGVTPIKDLTAHFRGDRCKTLLEKPKLFFI
QACRGTELDDGIQ
;
A,C
2 'polypeptide(L)'
;ANPRYKIPVEADFLFAYSTVPGYYSWRSPGRGSWFVQALCSILEEHGKDLEIMQILTRVNDRVARHFESQSDDPHFHEKK
QIPCVVSMLTKELYFSQ
;
B,D
3 'polypeptide(L)' (ACE)IEP(ASJ) E,F
4 'polypeptide(L)' QGHGE G
#
# COMPACT_ATOMS: atom_id res chain seq x y z
N THR A 34 10.69 -11.71 17.63
CA THR A 34 11.64 -11.60 16.48
C THR A 34 10.91 -11.05 15.26
N TYR A 35 9.58 -11.16 15.28
CA TYR A 35 8.74 -10.71 14.18
C TYR A 35 7.84 -9.53 14.56
N GLN A 36 8.13 -8.90 15.69
CA GLN A 36 7.33 -7.77 16.14
C GLN A 36 8.22 -6.59 16.48
N TYR A 37 7.68 -5.38 16.32
CA TYR A 37 8.42 -4.17 16.65
C TYR A 37 8.50 -4.12 18.17
N ASN A 38 9.66 -3.75 18.69
CA ASN A 38 9.87 -3.65 20.13
C ASN A 38 9.10 -2.45 20.66
N MET A 39 8.18 -2.70 21.59
CA MET A 39 7.38 -1.61 22.14
C MET A 39 7.78 -1.27 23.58
N ASN A 40 8.90 -1.82 24.03
CA ASN A 40 9.36 -1.57 25.39
C ASN A 40 10.15 -0.25 25.51
N PHE A 41 9.41 0.86 25.51
CA PHE A 41 9.98 2.20 25.63
C PHE A 41 9.17 2.99 26.65
N GLU A 42 9.69 4.13 27.08
CA GLU A 42 9.00 4.96 28.07
C GLU A 42 7.75 5.62 27.49
N LYS A 43 7.77 5.88 26.19
CA LYS A 43 6.64 6.51 25.52
C LYS A 43 6.23 5.72 24.28
N LEU A 44 4.95 5.78 23.94
CA LEU A 44 4.49 5.10 22.74
C LEU A 44 5.01 5.95 21.59
N GLY A 45 4.87 7.27 21.74
CA GLY A 45 5.34 8.17 20.72
C GLY A 45 4.54 9.47 20.61
N LYS A 46 5.00 10.33 19.73
CA LYS A 46 4.35 11.60 19.50
C LYS A 46 3.33 11.42 18.38
N CYS A 47 2.24 12.18 18.43
CA CYS A 47 1.22 12.10 17.40
C CYS A 47 0.81 13.50 17.00
N ILE A 48 0.96 13.81 15.73
CA ILE A 48 0.61 15.11 15.21
C ILE A 48 -0.68 15.02 14.39
N ILE A 49 -1.67 15.82 14.75
CA ILE A 49 -2.93 15.85 14.01
C ILE A 49 -3.07 17.22 13.36
N ILE A 50 -3.16 17.25 12.04
CA ILE A 50 -3.34 18.51 11.33
C ILE A 50 -4.80 18.59 10.88
N ASN A 51 -5.54 19.51 11.50
CA ASN A 51 -6.96 19.69 11.23
C ASN A 51 -7.22 20.95 10.40
N ASN A 52 -7.34 20.79 9.09
CA ASN A 52 -7.59 21.91 8.19
C ASN A 52 -9.07 22.06 7.82
N LYS A 53 -9.70 23.10 8.34
CA LYS A 53 -11.13 23.33 8.11
C LYS A 53 -11.46 24.52 7.19
N ASN A 54 -10.76 25.62 7.42
CA ASN A 54 -10.99 26.84 6.65
C ASN A 54 -9.82 27.13 5.70
N PHE A 55 -10.13 27.49 4.47
CA PHE A 55 -9.08 27.76 3.48
C PHE A 55 -9.18 29.15 2.86
N ASP A 56 -8.04 29.69 2.44
CA ASP A 56 -8.01 31.01 1.82
C ASP A 56 -8.76 31.00 0.49
N LYS A 57 -9.70 31.92 0.35
CA LYS A 57 -10.51 32.04 -0.87
C LYS A 57 -9.72 31.86 -2.17
N VAL A 58 -8.46 32.24 -2.16
CA VAL A 58 -7.64 32.10 -3.37
C VAL A 58 -7.47 30.64 -3.80
N THR A 59 -7.52 29.73 -2.82
CA THR A 59 -7.37 28.30 -3.10
C THR A 59 -8.64 27.74 -3.74
N GLY A 60 -9.75 28.44 -3.53
CA GLY A 60 -11.02 28.01 -4.09
C GLY A 60 -11.65 26.80 -3.42
N MET A 61 -11.10 26.39 -2.28
CA MET A 61 -11.63 25.24 -1.55
C MET A 61 -12.64 25.64 -0.49
N GLY A 62 -13.67 24.82 -0.30
CA GLY A 62 -14.69 25.14 0.68
C GLY A 62 -14.42 24.68 2.11
N VAL A 63 -15.32 25.03 3.02
CA VAL A 63 -15.18 24.66 4.42
C VAL A 63 -15.44 23.16 4.59
N ARG A 64 -14.56 22.51 5.35
CA ARG A 64 -14.68 21.07 5.60
C ARG A 64 -15.44 20.77 6.89
N ASN A 65 -16.73 21.08 6.90
CA ASN A 65 -17.56 20.84 8.06
C ASN A 65 -17.49 19.37 8.45
N GLY A 66 -17.48 19.11 9.75
CA GLY A 66 -17.41 17.75 10.23
C GLY A 66 -15.99 17.34 10.59
N THR A 67 -15.00 18.09 10.10
CA THR A 67 -13.62 17.75 10.38
C THR A 67 -13.27 17.89 11.86
N ASP A 68 -14.05 18.68 12.59
CA ASP A 68 -13.81 18.85 14.02
C ASP A 68 -14.22 17.59 14.78
N LYS A 69 -15.26 16.91 14.29
CA LYS A 69 -15.69 15.68 14.93
C LYS A 69 -14.60 14.64 14.72
N ASP A 70 -14.03 14.61 13.51
CA ASP A 70 -12.96 13.67 13.21
C ASP A 70 -11.77 13.91 14.15
N ALA A 71 -11.34 15.17 14.21
CA ALA A 71 -10.21 15.54 15.05
C ALA A 71 -10.38 15.15 16.51
N GLU A 72 -11.54 15.45 17.10
CA GLU A 72 -11.78 15.13 18.49
C GLU A 72 -11.86 13.62 18.71
N ALA A 73 -12.49 12.92 17.76
CA ALA A 73 -12.60 11.46 17.84
C ALA A 73 -11.21 10.85 17.77
N LEU A 74 -10.40 11.36 16.85
CA LEU A 74 -9.03 10.88 16.67
C LEU A 74 -8.18 11.17 17.90
N PHE A 75 -8.38 12.36 18.48
CA PHE A 75 -7.63 12.77 19.65
C PHE A 75 -7.79 11.77 20.79
N LYS A 76 -9.05 11.47 21.13
CA LYS A 76 -9.34 10.53 22.20
C LYS A 76 -8.75 9.16 21.89
N CYS A 77 -8.94 8.70 20.65
CA CYS A 77 -8.44 7.39 20.26
C CYS A 77 -6.94 7.22 20.41
N PHE A 78 -6.18 8.02 19.68
CA PHE A 78 -4.75 7.90 19.75
C PHE A 78 -4.22 8.17 21.14
N ARG A 79 -4.96 8.98 21.90
CA ARG A 79 -4.58 9.29 23.27
C ARG A 79 -4.71 7.98 24.07
N SER A 80 -5.82 7.26 23.86
CA SER A 80 -6.06 5.98 24.53
C SER A 80 -5.00 4.96 24.22
N LEU A 81 -4.42 5.07 23.02
CA LEU A 81 -3.38 4.14 22.62
C LEU A 81 -2.11 4.45 23.44
N GLY A 82 -1.96 5.70 23.84
CA GLY A 82 -0.79 6.09 24.60
C GLY A 82 0.06 7.17 23.94
N PHE A 83 -0.44 7.71 22.83
CA PHE A 83 0.26 8.76 22.08
C PHE A 83 0.16 10.13 22.76
N ASP A 84 1.20 10.94 22.60
CA ASP A 84 1.18 12.29 23.13
C ASP A 84 0.74 13.07 21.90
N VAL A 85 -0.56 13.33 21.78
CA VAL A 85 -1.08 14.01 20.62
C VAL A 85 -1.37 15.49 20.80
N ILE A 86 -1.11 16.25 19.74
CA ILE A 86 -1.36 17.68 19.71
C ILE A 86 -2.04 17.99 18.39
N VAL A 87 -3.03 18.87 18.41
CA VAL A 87 -3.78 19.22 17.20
C VAL A 87 -3.47 20.63 16.73
N TYR A 88 -3.21 20.78 15.44
CA TYR A 88 -2.92 22.09 14.84
C TYR A 88 -4.00 22.39 13.81
N ASN A 89 -4.69 23.51 13.99
CA ASN A 89 -5.79 23.89 13.13
C ASN A 89 -5.46 24.89 12.03
N ASP A 90 -6.12 24.71 10.88
CA ASP A 90 -5.95 25.56 9.70
C ASP A 90 -4.50 25.97 9.44
N CYS A 91 -3.65 24.97 9.19
CA CYS A 91 -2.24 25.23 8.94
C CYS A 91 -1.94 25.63 7.51
N SER A 92 -0.90 26.44 7.34
CA SER A 92 -0.46 26.87 6.03
C SER A 92 0.50 25.78 5.54
N CYS A 93 0.84 25.80 4.27
CA CYS A 93 1.76 24.80 3.76
C CYS A 93 3.09 24.88 4.49
N ALA A 94 3.54 26.10 4.75
CA ALA A 94 4.81 26.30 5.44
C ALA A 94 4.73 25.79 6.87
N LYS A 95 3.59 26.01 7.51
CA LYS A 95 3.41 25.57 8.89
C LYS A 95 3.50 24.05 8.99
N MET A 96 2.81 23.37 8.08
CA MET A 96 2.80 21.91 8.04
C MET A 96 4.22 21.37 7.84
N GLN A 97 4.96 21.96 6.91
CA GLN A 97 6.33 21.53 6.65
C GLN A 97 7.21 21.71 7.87
N ASP A 98 7.09 22.86 8.51
CA ASP A 98 7.87 23.18 9.69
C ASP A 98 7.51 22.23 10.82
N LEU A 99 6.21 21.99 10.99
CA LEU A 99 5.72 21.08 12.03
C LEU A 99 6.41 19.73 11.90
N LEU A 100 6.27 19.13 10.72
CA LEU A 100 6.86 17.82 10.45
C LEU A 100 8.38 17.85 10.56
N LYS A 101 9.01 18.89 10.02
CA LYS A 101 10.46 18.97 10.11
C LYS A 101 10.91 18.93 11.57
N LYS A 102 10.46 19.91 12.36
CA LYS A 102 10.81 19.99 13.79
C LYS A 102 10.61 18.66 14.52
N ALA A 103 9.45 18.06 14.30
CA ALA A 103 9.14 16.79 14.93
C ALA A 103 10.20 15.77 14.57
N SER A 104 10.66 15.78 13.32
CA SER A 104 11.67 14.83 12.87
C SER A 104 13.03 15.15 13.50
N GLU A 105 13.17 16.36 14.03
CA GLU A 105 14.43 16.76 14.63
C GLU A 105 14.43 16.60 16.14
N GLU A 106 13.33 16.09 16.69
CA GLU A 106 13.25 15.87 18.13
C GLU A 106 13.93 14.54 18.44
N ASP A 107 14.17 14.27 19.73
CA ASP A 107 14.81 13.02 20.11
C ASP A 107 13.78 11.95 20.48
N HIS A 108 13.69 10.93 19.64
CA HIS A 108 12.73 9.85 19.82
C HIS A 108 13.33 8.61 20.47
N THR A 109 14.50 8.77 21.08
CA THR A 109 15.19 7.65 21.71
C THR A 109 14.31 6.83 22.65
N ASN A 110 13.44 7.49 23.40
CA ASN A 110 12.57 6.78 24.34
C ASN A 110 11.16 6.53 23.82
N ALA A 111 10.94 6.78 22.53
CA ALA A 111 9.62 6.57 21.93
C ALA A 111 9.61 5.27 21.12
N ALA A 112 8.47 4.62 21.06
CA ALA A 112 8.35 3.37 20.30
C ALA A 112 8.10 3.66 18.82
N CYS A 113 7.42 4.76 18.53
CA CYS A 113 7.13 5.08 17.14
C CYS A 113 6.66 6.50 16.99
N PHE A 114 6.18 6.83 15.80
CA PHE A 114 5.68 8.17 15.50
C PHE A 114 4.41 8.09 14.64
N ALA A 115 3.50 9.02 14.86
CA ALA A 115 2.25 9.05 14.12
C ALA A 115 1.86 10.47 13.72
N CYS A 116 1.29 10.59 12.53
CA CYS A 116 0.84 11.87 12.01
C CYS A 116 -0.46 11.66 11.23
N ILE A 117 -1.46 12.48 11.53
CA ILE A 117 -2.76 12.39 10.86
C ILE A 117 -3.04 13.69 10.12
N LEU A 118 -3.38 13.58 8.83
CA LEU A 118 -3.68 14.74 8.00
C LEU A 118 -5.14 14.78 7.58
N LEU A 119 -5.83 15.86 7.91
CA LEU A 119 -7.25 16.05 7.56
C LEU A 119 -7.36 17.32 6.73
N SER A 120 -7.71 17.19 5.45
CA SER A 120 -7.78 18.36 4.60
C SER A 120 -8.27 18.02 3.20
N HIS A 121 -8.13 19.01 2.31
CA HIS A 121 -8.48 18.86 0.90
C HIS A 121 -7.19 18.32 0.31
N GLY A 122 -7.27 17.74 -0.88
CA GLY A 122 -6.06 17.22 -1.48
C GLY A 122 -6.27 16.71 -2.88
N GLU A 123 -5.17 16.31 -3.50
CA GLU A 123 -5.19 15.78 -4.85
C GLU A 123 -4.12 14.71 -4.92
N GLU A 124 -4.02 14.06 -6.06
CA GLU A 124 -3.03 13.02 -6.25
C GLU A 124 -1.64 13.50 -5.82
N ASN A 125 -1.09 12.88 -4.78
CA ASN A 125 0.24 13.18 -4.27
C ASN A 125 0.38 14.45 -3.43
N VAL A 126 -0.68 15.25 -3.35
CA VAL A 126 -0.61 16.48 -2.59
C VAL A 126 -1.74 16.69 -1.60
N ILE A 127 -1.50 17.56 -0.62
CA ILE A 127 -2.52 17.88 0.37
C ILE A 127 -2.59 19.39 0.56
N TYR A 128 -3.79 19.90 0.83
CA TYR A 128 -3.96 21.33 0.99
C TYR A 128 -3.61 21.93 2.34
N GLY A 129 -3.06 23.14 2.29
CA GLY A 129 -2.76 23.91 3.46
C GLY A 129 -3.85 24.97 3.34
N LYS A 130 -3.96 25.92 4.26
CA LYS A 130 -5.02 26.92 4.11
C LYS A 130 -4.69 27.85 2.94
N ASP A 131 -3.44 27.81 2.51
CA ASP A 131 -2.97 28.68 1.44
C ASP A 131 -2.47 28.00 0.15
N GLY A 132 -2.80 26.73 -0.05
CA GLY A 132 -2.34 26.07 -1.26
C GLY A 132 -2.03 24.60 -1.07
N VAL A 133 -1.34 24.00 -2.04
CA VAL A 133 -1.01 22.59 -1.95
C VAL A 133 0.47 22.34 -1.67
N THR A 134 0.76 21.22 -1.02
CA THR A 134 2.14 20.86 -0.71
C THR A 134 2.28 19.36 -0.90
N PRO A 135 3.41 18.91 -1.43
CA PRO A 135 3.66 17.49 -1.67
C PRO A 135 3.70 16.66 -0.39
N ILE A 136 2.88 15.62 -0.34
CA ILE A 136 2.84 14.74 0.82
C ILE A 136 4.22 14.12 1.03
N LYS A 137 4.90 13.86 -0.07
CA LYS A 137 6.23 13.28 -0.06
C LYS A 137 7.22 14.13 0.72
N ASP A 138 7.12 15.44 0.58
CA ASP A 138 8.03 16.34 1.27
C ASP A 138 7.75 16.41 2.76
N LEU A 139 6.54 16.06 3.15
CA LEU A 139 6.15 16.07 4.56
C LEU A 139 6.72 14.83 5.24
N THR A 140 6.73 13.72 4.53
CA THR A 140 7.20 12.45 5.06
C THR A 140 8.69 12.19 4.92
N ALA A 141 9.32 12.79 3.92
CA ALA A 141 10.75 12.55 3.70
C ALA A 141 11.62 12.92 4.90
N HIS A 142 11.13 13.83 5.73
CA HIS A 142 11.89 14.25 6.91
C HIS A 142 12.14 13.09 7.87
N PHE A 143 11.35 12.03 7.76
CA PHE A 143 11.49 10.88 8.65
C PHE A 143 12.28 9.71 8.11
N ARG A 144 12.87 9.89 6.93
CA ARG A 144 13.69 8.84 6.33
C ARG A 144 14.75 8.37 7.32
N GLY A 145 15.12 7.10 7.22
CA GLY A 145 16.10 6.53 8.13
C GLY A 145 17.40 7.32 8.25
N ASP A 146 17.72 8.07 7.21
CA ASP A 146 18.95 8.86 7.21
C ASP A 146 18.74 10.31 7.61
N ARG A 147 17.52 10.66 7.99
CA ARG A 147 17.21 12.03 8.39
C ARG A 147 16.59 12.13 9.76
N CYS A 148 16.44 11.00 10.42
CA CYS A 148 15.86 10.94 11.74
C CYS A 148 16.35 9.68 12.43
N LYS A 149 17.63 9.69 12.81
CA LYS A 149 18.26 8.56 13.46
C LYS A 149 17.50 7.96 14.63
N THR A 150 16.78 8.78 15.40
CA THR A 150 16.07 8.24 16.56
C THR A 150 14.78 7.46 16.26
N LEU A 151 14.39 7.41 14.99
CA LEU A 151 13.21 6.65 14.61
C LEU A 151 13.61 5.49 13.71
N LEU A 152 14.91 5.36 13.47
CA LEU A 152 15.42 4.28 12.64
C LEU A 152 15.00 2.92 13.20
N GLU A 153 14.39 2.09 12.34
CA GLU A 153 13.91 0.77 12.73
C GLU A 153 12.67 0.85 13.60
N LYS A 154 12.02 2.02 13.57
CA LYS A 154 10.80 2.24 14.34
C LYS A 154 9.73 2.63 13.33
N PRO A 155 8.49 2.16 13.54
CA PRO A 155 7.39 2.48 12.63
C PRO A 155 7.00 3.95 12.62
N LYS A 156 6.85 4.49 11.40
CA LYS A 156 6.47 5.88 11.17
C LYS A 156 5.13 5.81 10.46
N LEU A 157 4.07 6.22 11.16
CA LEU A 157 2.70 6.13 10.62
C LEU A 157 2.02 7.42 10.18
N PHE A 158 1.46 7.40 8.97
CA PHE A 158 0.77 8.55 8.42
C PHE A 158 -0.65 8.18 7.98
N PHE A 159 -1.64 8.86 8.54
CA PHE A 159 -3.03 8.62 8.19
C PHE A 159 -3.50 9.83 7.40
N ILE A 160 -4.03 9.60 6.20
CA ILE A 160 -4.46 10.72 5.37
C ILE A 160 -5.91 10.69 4.89
N GLN A 161 -6.70 11.66 5.36
CA GLN A 161 -8.09 11.81 4.96
C GLN A 161 -8.09 12.99 3.99
N ALA A 162 -8.13 12.70 2.70
CA ALA A 162 -8.10 13.74 1.67
C ALA A 162 -8.33 13.15 0.29
N CYS A 163 -8.85 13.94 -0.64
CA CYS A 163 -9.11 13.44 -1.98
C CYS A 163 -7.80 13.16 -2.71
N ARG A 164 -7.86 12.24 -3.67
CA ARG A 164 -6.68 11.86 -4.45
C ARG A 164 -6.98 11.92 -5.95
N GLY A 165 -8.08 12.59 -6.28
CA GLY A 165 -8.50 12.72 -7.67
C GLY A 165 -9.98 13.03 -7.72
N THR A 166 -10.57 12.90 -8.90
CA THR A 166 -11.99 13.19 -9.04
C THR A 166 -12.78 12.02 -9.58
N GLU A 167 -12.21 10.82 -9.51
CA GLU A 167 -12.91 9.64 -9.98
C GLU A 167 -13.99 9.19 -9.00
N LEU A 168 -15.07 8.66 -9.55
CA LEU A 168 -16.19 8.18 -8.75
C LEU A 168 -16.31 6.67 -8.78
N ASP A 169 -16.58 6.09 -7.62
CA ASP A 169 -16.73 4.65 -7.52
C ASP A 169 -18.22 4.40 -7.33
N ASP A 170 -18.91 4.05 -8.41
CA ASP A 170 -20.35 3.80 -8.38
C ASP A 170 -20.71 2.50 -7.66
N GLY A 171 -19.71 1.67 -7.38
CA GLY A 171 -19.97 0.41 -6.70
C GLY A 171 -20.61 -0.62 -7.62
N ILE A 172 -20.99 -1.76 -7.06
CA ILE A 172 -21.61 -2.81 -7.87
C ILE A 172 -22.50 -3.75 -7.05
N GLN A 173 -23.59 -4.20 -7.71
CA GLN A 173 -24.59 -5.11 -7.16
C GLN A 173 -25.18 -4.78 -5.79
N LYS B 6 23.26 -2.26 6.96
CA LYS B 6 22.43 -1.05 6.63
C LYS B 6 20.93 -1.34 6.57
N ILE B 7 20.15 -0.27 6.60
CA ILE B 7 18.69 -0.31 6.56
C ILE B 7 18.28 0.64 5.45
N PRO B 8 17.29 0.27 4.62
CA PRO B 8 16.85 1.16 3.54
C PRO B 8 16.27 2.41 4.19
N VAL B 9 16.60 3.58 3.66
CA VAL B 9 16.08 4.81 4.23
C VAL B 9 14.57 4.94 4.11
N GLU B 10 13.96 4.14 3.24
CA GLU B 10 12.51 4.19 3.06
C GLU B 10 11.76 3.14 3.87
N ALA B 11 12.49 2.25 4.53
CA ALA B 11 11.88 1.19 5.33
C ALA B 11 11.11 1.69 6.55
N ASP B 12 10.20 0.85 7.04
CA ASP B 12 9.40 1.13 8.23
C ASP B 12 8.41 2.29 8.18
N PHE B 13 7.87 2.56 7.00
CA PHE B 13 6.86 3.61 6.83
C PHE B 13 5.52 2.98 6.53
N LEU B 14 4.43 3.55 7.05
CA LEU B 14 3.11 3.03 6.74
C LEU B 14 2.17 4.20 6.46
N PHE B 15 1.53 4.15 5.30
CA PHE B 15 0.58 5.18 4.89
C PHE B 15 -0.81 4.55 4.83
N ALA B 16 -1.75 5.15 5.54
CA ALA B 16 -3.13 4.67 5.55
C ALA B 16 -3.98 5.76 4.91
N TYR B 17 -4.23 5.63 3.61
CA TYR B 17 -5.04 6.63 2.90
C TYR B 17 -6.53 6.32 3.02
N SER B 18 -7.36 7.36 3.09
CA SER B 18 -8.80 7.20 3.19
C SER B 18 -9.38 6.67 1.89
N THR B 19 -8.66 6.84 0.79
CA THR B 19 -9.14 6.36 -0.50
C THR B 19 -8.00 5.99 -1.46
N VAL B 20 -8.36 5.30 -2.55
CA VAL B 20 -7.36 4.90 -3.53
C VAL B 20 -6.99 6.06 -4.46
N PRO B 21 -5.82 5.97 -5.12
CA PRO B 21 -5.34 7.00 -6.04
C PRO B 21 -6.35 7.37 -7.13
N GLY B 22 -6.50 8.67 -7.38
CA GLY B 22 -7.40 9.12 -8.42
C GLY B 22 -8.86 9.33 -8.03
N TYR B 23 -9.26 8.82 -6.86
CA TYR B 23 -10.65 8.94 -6.43
C TYR B 23 -10.94 10.00 -5.39
N TYR B 24 -12.23 10.20 -5.17
CA TYR B 24 -12.73 11.16 -4.18
C TYR B 24 -12.69 10.46 -2.83
N SER B 25 -12.89 11.23 -1.77
CA SER B 25 -12.93 10.70 -0.43
C SER B 25 -14.10 11.45 0.20
N TRP B 26 -15.09 10.71 0.69
CA TRP B 26 -16.29 11.33 1.25
C TRP B 26 -16.31 11.72 2.72
N ARG B 27 -16.97 12.83 3.00
CA ARG B 27 -17.08 13.37 4.35
C ARG B 27 -18.51 13.81 4.68
N SER B 28 -18.98 13.43 5.87
CA SER B 28 -20.31 13.81 6.33
C SER B 28 -20.20 15.01 7.27
N PRO B 29 -20.80 16.15 6.89
CA PRO B 29 -20.79 17.39 7.67
C PRO B 29 -21.23 17.25 9.12
N GLY B 30 -22.16 16.34 9.40
CA GLY B 30 -22.64 16.15 10.75
C GLY B 30 -22.09 14.95 11.48
N ARG B 31 -21.44 14.04 10.75
CA ARG B 31 -20.88 12.84 11.37
C ARG B 31 -19.38 12.69 11.17
N GLY B 32 -18.83 13.43 10.22
CA GLY B 32 -17.41 13.35 9.95
C GLY B 32 -17.16 12.46 8.74
N SER B 33 -15.90 12.38 8.30
CA SER B 33 -15.56 11.55 7.15
C SER B 33 -15.72 10.06 7.43
N TRP B 34 -15.99 9.30 6.37
CA TRP B 34 -16.17 7.85 6.48
C TRP B 34 -14.95 7.15 7.07
N PHE B 35 -13.79 7.42 6.48
CA PHE B 35 -12.54 6.81 6.91
C PHE B 35 -12.20 7.02 8.39
N VAL B 36 -12.46 8.22 8.91
CA VAL B 36 -12.16 8.49 10.30
C VAL B 36 -13.20 7.87 11.24
N GLN B 37 -14.47 7.91 10.86
CA GLN B 37 -15.51 7.31 11.69
C GLN B 37 -15.17 5.83 11.93
N ALA B 38 -14.85 5.14 10.84
CA ALA B 38 -14.51 3.72 10.86
C ALA B 38 -13.23 3.43 11.62
N LEU B 39 -12.20 4.22 11.35
CA LEU B 39 -10.90 4.04 12.00
C LEU B 39 -11.06 4.15 13.51
N CYS B 40 -11.72 5.21 13.96
CA CYS B 40 -11.93 5.40 15.38
C CYS B 40 -12.76 4.29 16.02
N SER B 41 -13.83 3.85 15.35
CA SER B 41 -14.64 2.79 15.95
C SER B 41 -13.87 1.48 16.08
N ILE B 42 -13.00 1.18 15.11
CA ILE B 42 -12.21 -0.06 15.17
C ILE B 42 -11.13 0.02 16.25
N LEU B 43 -10.45 1.17 16.35
CA LEU B 43 -9.40 1.35 17.34
C LEU B 43 -9.96 1.40 18.75
N GLU B 44 -11.14 1.98 18.89
CA GLU B 44 -11.78 2.07 20.19
C GLU B 44 -12.09 0.66 20.71
N GLU B 45 -12.30 -0.25 19.78
CA GLU B 45 -12.64 -1.63 20.14
C GLU B 45 -11.53 -2.68 20.02
N HIS B 46 -10.51 -2.42 19.20
CA HIS B 46 -9.43 -3.39 19.01
C HIS B 46 -8.02 -2.84 18.88
N GLY B 47 -7.85 -1.55 19.09
CA GLY B 47 -6.53 -0.96 18.97
C GLY B 47 -5.49 -1.58 19.86
N LYS B 48 -5.93 -2.22 20.94
CA LYS B 48 -5.01 -2.82 21.90
C LYS B 48 -4.75 -4.31 21.70
N ASP B 49 -5.59 -4.98 20.92
CA ASP B 49 -5.39 -6.41 20.73
C ASP B 49 -5.16 -6.90 19.30
N LEU B 50 -5.22 -6.01 18.32
CA LEU B 50 -5.01 -6.45 16.94
C LEU B 50 -3.77 -5.81 16.31
N GLU B 51 -3.18 -6.51 15.34
CA GLU B 51 -2.01 -6.03 14.64
C GLU B 51 -2.46 -4.90 13.72
N ILE B 52 -1.58 -3.93 13.49
CA ILE B 52 -1.92 -2.77 12.66
C ILE B 52 -2.63 -3.13 11.33
N MET B 53 -2.11 -4.12 10.59
CA MET B 53 -2.73 -4.50 9.33
C MET B 53 -4.12 -5.13 9.52
N GLN B 54 -4.33 -5.80 10.64
CA GLN B 54 -5.64 -6.41 10.93
C GLN B 54 -6.65 -5.29 11.16
N ILE B 55 -6.22 -4.30 11.93
CA ILE B 55 -7.07 -3.16 12.24
C ILE B 55 -7.46 -2.42 10.96
N LEU B 56 -6.46 -2.06 10.15
CA LEU B 56 -6.69 -1.33 8.92
C LEU B 56 -7.49 -2.11 7.87
N THR B 57 -7.40 -3.43 7.91
CA THR B 57 -8.16 -4.24 6.98
C THR B 57 -9.64 -4.16 7.37
N ARG B 58 -9.92 -4.23 8.68
CA ARG B 58 -11.30 -4.14 9.13
C ARG B 58 -11.85 -2.75 8.81
N VAL B 59 -10.96 -1.77 8.79
CA VAL B 59 -11.37 -0.41 8.46
C VAL B 59 -11.79 -0.38 6.99
N ASN B 60 -10.98 -1.02 6.13
CA ASN B 60 -11.29 -1.09 4.71
C ASN B 60 -12.67 -1.69 4.50
N ASP B 61 -12.94 -2.79 5.21
CA ASP B 61 -14.23 -3.49 5.11
C ASP B 61 -15.38 -2.63 5.63
N ARG B 62 -15.17 -2.01 6.79
CA ARG B 62 -16.19 -1.17 7.39
C ARG B 62 -16.57 -0.01 6.48
N VAL B 63 -15.57 0.60 5.84
CA VAL B 63 -15.79 1.71 4.93
C VAL B 63 -16.47 1.24 3.65
N ALA B 64 -16.02 0.11 3.12
CA ALA B 64 -16.57 -0.44 1.88
C ALA B 64 -18.00 -0.95 2.02
N ARG B 65 -18.38 -1.34 3.22
CA ARG B 65 -19.72 -1.88 3.42
C ARG B 65 -20.73 -0.97 4.12
N HIS B 66 -20.40 -0.49 5.31
CA HIS B 66 -21.35 0.35 6.05
C HIS B 66 -21.69 1.70 5.44
N PHE B 67 -20.92 2.15 4.46
CA PHE B 67 -21.17 3.47 3.87
C PHE B 67 -21.58 3.50 2.40
N GLU B 68 -22.45 4.46 2.08
CA GLU B 68 -22.92 4.69 0.72
C GLU B 68 -23.51 6.09 0.70
N SER B 69 -23.00 6.94 -0.19
CA SER B 69 -23.42 8.33 -0.26
C SER B 69 -24.89 8.62 -0.53
N GLN B 70 -25.26 9.86 -0.26
CA GLN B 70 -26.61 10.38 -0.45
C GLN B 70 -26.43 11.85 -0.78
N SER B 71 -26.82 12.25 -1.98
CA SER B 71 -26.68 13.64 -2.41
C SER B 71 -27.79 14.06 -3.37
N ASP B 72 -28.03 15.37 -3.45
CA ASP B 72 -29.05 15.91 -4.34
C ASP B 72 -28.58 15.77 -5.78
N ASP B 73 -27.29 15.97 -5.99
CA ASP B 73 -26.70 15.85 -7.32
C ASP B 73 -26.48 14.36 -7.61
N PRO B 74 -27.28 13.78 -8.54
CA PRO B 74 -27.20 12.37 -8.93
C PRO B 74 -25.79 11.87 -9.24
N HIS B 75 -24.90 12.82 -9.56
CA HIS B 75 -23.51 12.51 -9.89
C HIS B 75 -22.72 12.16 -8.62
N PHE B 76 -23.32 12.45 -7.47
CA PHE B 76 -22.72 12.18 -6.16
C PHE B 76 -23.63 11.25 -5.37
N HIS B 77 -24.67 10.75 -6.04
CA HIS B 77 -25.65 9.87 -5.42
C HIS B 77 -25.22 8.41 -5.40
N GLU B 78 -25.42 7.75 -4.25
CA GLU B 78 -25.09 6.34 -4.09
C GLU B 78 -23.65 5.99 -4.46
N LYS B 79 -22.69 6.73 -3.91
CA LYS B 79 -21.28 6.51 -4.18
C LYS B 79 -20.61 5.64 -3.12
N LYS B 80 -19.57 4.92 -3.53
CA LYS B 80 -18.85 4.04 -2.61
C LYS B 80 -17.41 4.49 -2.40
N GLN B 81 -16.71 3.81 -1.48
CA GLN B 81 -15.34 4.15 -1.18
C GLN B 81 -14.58 2.98 -0.56
N ILE B 82 -13.29 2.89 -0.87
CA ILE B 82 -12.42 1.85 -0.31
C ILE B 82 -11.08 2.53 0.01
N PRO B 83 -10.61 2.40 1.27
CA PRO B 83 -9.34 3.01 1.65
C PRO B 83 -8.17 2.30 0.97
N CYS B 84 -6.96 2.80 1.20
CA CYS B 84 -5.76 2.25 0.59
C CYS B 84 -4.59 2.22 1.59
N VAL B 85 -4.08 1.03 1.88
CA VAL B 85 -2.97 0.92 2.83
C VAL B 85 -1.65 0.62 2.13
N VAL B 86 -0.66 1.46 2.37
CA VAL B 86 0.66 1.26 1.77
C VAL B 86 1.67 0.97 2.89
N SER B 87 2.10 -0.28 2.97
CA SER B 87 3.03 -0.67 4.03
C SER B 87 4.44 -1.03 3.61
N MET B 88 5.40 -0.41 4.27
CA MET B 88 6.82 -0.69 4.06
C MET B 88 7.36 -1.14 5.42
N LEU B 89 6.45 -1.53 6.31
CA LEU B 89 6.81 -2.00 7.63
C LEU B 89 7.58 -3.31 7.51
N THR B 90 8.56 -3.51 8.39
CA THR B 90 9.36 -4.73 8.37
C THR B 90 9.00 -5.72 9.47
N LYS B 91 8.08 -5.34 10.35
CA LYS B 91 7.63 -6.20 11.45
C LYS B 91 6.13 -6.02 11.67
N GLU B 92 5.59 -6.82 12.60
CA GLU B 92 4.19 -6.73 12.95
C GLU B 92 4.09 -5.62 14.00
N LEU B 93 2.99 -4.87 14.01
CA LEU B 93 2.83 -3.78 14.95
C LEU B 93 1.63 -3.91 15.88
N TYR B 94 1.90 -3.86 17.18
CA TYR B 94 0.88 -3.93 18.21
C TYR B 94 1.10 -2.73 19.12
N PHE B 95 0.02 -2.09 19.53
CA PHE B 95 0.11 -0.94 20.43
C PHE B 95 -0.05 -1.42 21.88
N SER B 96 0.84 -2.29 22.34
CA SER B 96 0.74 -2.78 23.71
C SER B 96 1.92 -3.63 24.18
N GLN B 97 2.01 -3.79 25.50
CA GLN B 97 3.07 -4.56 26.16
C GLN B 97 4.47 -4.04 25.85
N THR C 34 -17.26 -13.65 8.60
CA THR C 34 -16.30 -13.29 9.68
C THR C 34 -15.20 -12.33 9.21
N TYR C 35 -13.96 -12.66 9.58
CA TYR C 35 -12.84 -11.80 9.24
C TYR C 35 -11.88 -12.34 8.17
N GLN C 36 -12.10 -13.58 7.75
CA GLN C 36 -11.26 -14.21 6.73
C GLN C 36 -12.01 -14.40 5.42
N TYR C 37 -11.29 -14.36 4.31
CA TYR C 37 -11.89 -14.59 2.99
C TYR C 37 -12.33 -16.05 2.94
N ASN C 38 -13.46 -16.30 2.30
CA ASN C 38 -13.97 -17.66 2.18
C ASN C 38 -13.12 -18.42 1.16
N MET C 39 -12.46 -19.48 1.62
CA MET C 39 -11.61 -20.29 0.75
C MET C 39 -12.23 -21.64 0.38
N ASN C 40 -13.52 -21.81 0.65
CA ASN C 40 -14.17 -23.08 0.33
C ASN C 40 -14.67 -23.12 -1.12
N PHE C 41 -13.74 -23.29 -2.04
CA PHE C 41 -14.07 -23.36 -3.45
C PHE C 41 -13.40 -24.57 -4.08
N GLU C 42 -13.93 -25.03 -5.21
CA GLU C 42 -13.39 -26.18 -5.93
C GLU C 42 -11.90 -26.01 -6.11
N LYS C 43 -11.46 -24.79 -6.40
CA LYS C 43 -10.06 -24.52 -6.58
C LYS C 43 -9.64 -23.15 -6.05
N LEU C 44 -8.36 -23.04 -5.71
CA LEU C 44 -7.80 -21.80 -5.18
C LEU C 44 -7.87 -20.67 -6.20
N GLY C 45 -7.55 -20.98 -7.45
CA GLY C 45 -7.61 -19.96 -8.48
C GLY C 45 -6.54 -20.05 -9.55
N LYS C 46 -6.58 -19.08 -10.44
CA LYS C 46 -5.64 -19.01 -11.54
C LYS C 46 -4.47 -18.08 -11.19
N CYS C 47 -3.25 -18.47 -11.55
CA CYS C 47 -2.06 -17.66 -11.32
C CYS C 47 -1.35 -17.41 -12.66
N ILE C 48 -1.41 -16.17 -13.13
CA ILE C 48 -0.79 -15.82 -14.40
C ILE C 48 0.60 -15.18 -14.23
N ILE C 49 1.60 -15.78 -14.87
CA ILE C 49 2.96 -15.25 -14.79
C ILE C 49 3.42 -14.71 -16.16
N ILE C 50 3.85 -13.45 -16.17
CA ILE C 50 4.34 -12.81 -17.38
C ILE C 50 5.83 -12.59 -17.19
N ASN C 51 6.60 -13.41 -17.91
CA ASN C 51 8.05 -13.39 -17.82
C ASN C 51 8.68 -12.73 -19.05
N ASN C 52 8.96 -11.43 -18.93
CA ASN C 52 9.55 -10.66 -20.02
C ASN C 52 11.05 -10.51 -19.88
N LYS C 53 11.78 -11.20 -20.75
CA LYS C 53 13.23 -11.19 -20.73
C LYS C 53 13.88 -10.36 -21.83
N ASN C 54 13.34 -10.47 -23.04
CA ASN C 54 13.88 -9.76 -24.19
C ASN C 54 12.98 -8.64 -24.69
N PHE C 55 13.59 -7.50 -25.02
CA PHE C 55 12.83 -6.33 -25.49
C PHE C 55 13.35 -5.79 -26.83
N ASP C 56 12.47 -5.16 -27.61
CA ASP C 56 12.90 -4.59 -28.89
C ASP C 56 13.96 -3.51 -28.67
N LYS C 57 14.95 -3.48 -29.55
CA LYS C 57 16.03 -2.50 -29.49
C LYS C 57 15.52 -1.08 -29.28
N VAL C 58 14.49 -0.69 -30.04
CA VAL C 58 13.92 0.66 -29.96
C VAL C 58 13.46 1.16 -28.59
N THR C 59 13.24 0.25 -27.64
CA THR C 59 12.79 0.65 -26.31
C THR C 59 13.96 1.07 -25.44
N GLY C 60 15.16 0.74 -25.87
CA GLY C 60 16.34 1.08 -25.09
C GLY C 60 16.52 0.18 -23.88
N MET C 61 15.65 -0.82 -23.72
CA MET C 61 15.76 -1.75 -22.59
C MET C 61 16.65 -2.93 -22.94
N GLY C 62 17.38 -3.46 -21.96
CA GLY C 62 18.25 -4.59 -22.22
C GLY C 62 17.71 -5.92 -21.72
N VAL C 63 18.45 -6.99 -22.01
CA VAL C 63 18.07 -8.34 -21.58
C VAL C 63 18.03 -8.42 -20.06
N ARG C 64 16.98 -9.01 -19.52
CA ARG C 64 16.85 -9.14 -18.08
C ARG C 64 17.37 -10.51 -17.59
N ASN C 65 18.67 -10.71 -17.65
CA ASN C 65 19.26 -11.97 -17.20
C ASN C 65 18.89 -12.25 -15.75
N GLY C 66 18.45 -13.48 -15.50
CA GLY C 66 18.04 -13.89 -14.16
C GLY C 66 16.52 -14.04 -14.04
N THR C 67 15.79 -13.47 -14.99
CA THR C 67 14.34 -13.54 -14.95
C THR C 67 13.78 -14.96 -15.10
N ASP C 68 14.44 -15.82 -15.85
CA ASP C 68 13.95 -17.19 -16.00
C ASP C 68 14.04 -17.89 -14.65
N LYS C 69 15.08 -17.58 -13.88
CA LYS C 69 15.25 -18.16 -12.55
C LYS C 69 14.05 -17.78 -11.66
N ASP C 70 13.61 -16.52 -11.78
CA ASP C 70 12.46 -16.05 -11.00
C ASP C 70 11.19 -16.77 -11.40
N ALA C 71 10.94 -16.83 -12.72
CA ALA C 71 9.75 -17.48 -13.24
C ALA C 71 9.66 -18.94 -12.80
N GLU C 72 10.77 -19.66 -12.88
CA GLU C 72 10.82 -21.07 -12.50
C GLU C 72 10.45 -21.22 -11.02
N ALA C 73 11.10 -20.44 -10.16
CA ALA C 73 10.84 -20.50 -8.72
C ALA C 73 9.41 -20.10 -8.39
N LEU C 74 8.91 -19.06 -9.05
CA LEU C 74 7.56 -18.57 -8.83
C LEU C 74 6.51 -19.61 -9.20
N PHE C 75 6.68 -20.22 -10.38
CA PHE C 75 5.75 -21.23 -10.85
C PHE C 75 5.73 -22.45 -9.89
N LYS C 76 6.89 -22.96 -9.55
CA LYS C 76 6.98 -24.10 -8.63
C LYS C 76 6.28 -23.71 -7.33
N CYS C 77 6.58 -22.51 -6.86
CA CYS C 77 6.01 -22.00 -5.64
C CYS C 77 4.48 -21.91 -5.66
N PHE C 78 3.93 -21.14 -6.59
CA PHE C 78 2.47 -20.99 -6.66
C PHE C 78 1.73 -22.28 -7.01
N ARG C 79 2.44 -23.24 -7.60
CA ARG C 79 1.81 -24.53 -7.92
C ARG C 79 1.62 -25.24 -6.59
N SER C 80 2.64 -25.17 -5.73
CA SER C 80 2.61 -25.77 -4.41
C SER C 80 1.48 -25.18 -3.56
N LEU C 81 1.16 -23.92 -3.78
CA LEU C 81 0.09 -23.30 -3.03
C LEU C 81 -1.27 -23.82 -3.50
N GLY C 82 -1.31 -24.33 -4.72
CA GLY C 82 -2.57 -24.85 -5.23
C GLY C 82 -3.18 -24.03 -6.37
N PHE C 83 -2.41 -23.12 -6.95
CA PHE C 83 -2.90 -22.30 -8.08
C PHE C 83 -2.73 -23.04 -9.41
N ASP C 84 -3.55 -22.66 -10.39
CA ASP C 84 -3.42 -23.22 -11.74
C ASP C 84 -2.52 -22.17 -12.40
N VAL C 85 -1.22 -22.41 -12.45
CA VAL C 85 -0.33 -21.42 -13.04
C VAL C 85 0.00 -21.56 -14.52
N ILE C 86 0.03 -20.41 -15.20
CA ILE C 86 0.32 -20.33 -16.62
C ILE C 86 1.46 -19.32 -16.81
N VAL C 87 2.50 -19.69 -17.54
CA VAL C 87 3.63 -18.77 -17.75
C VAL C 87 3.72 -18.27 -19.20
N TYR C 88 3.69 -16.95 -19.36
CA TYR C 88 3.80 -16.32 -20.68
C TYR C 88 5.16 -15.66 -20.76
N ASN C 89 5.75 -15.65 -21.96
CA ASN C 89 7.09 -15.10 -22.13
C ASN C 89 7.25 -14.07 -23.25
N ASP C 90 8.04 -13.03 -22.99
CA ASP C 90 8.31 -11.94 -23.94
C ASP C 90 7.05 -11.46 -24.63
N CYS C 91 6.14 -10.87 -23.85
CA CYS C 91 4.87 -10.40 -24.38
C CYS C 91 4.90 -8.95 -24.77
N SER C 92 4.18 -8.61 -25.82
CA SER C 92 4.07 -7.22 -26.25
C SER C 92 3.01 -6.59 -25.34
N CYS C 93 2.92 -5.27 -25.37
CA CYS C 93 1.94 -4.59 -24.54
C CYS C 93 0.54 -5.06 -24.90
N ALA C 94 0.29 -5.24 -26.19
CA ALA C 94 -1.01 -5.70 -26.65
C ALA C 94 -1.28 -7.09 -26.10
N LYS C 95 -0.30 -7.97 -26.21
CA LYS C 95 -0.46 -9.32 -25.70
C LYS C 95 -0.79 -9.29 -24.22
N MET C 96 -0.10 -8.44 -23.44
CA MET C 96 -0.37 -8.36 -22.02
C MET C 96 -1.81 -7.91 -21.69
N GLN C 97 -2.27 -6.86 -22.37
CA GLN C 97 -3.63 -6.36 -22.14
C GLN C 97 -4.67 -7.41 -22.49
N ASP C 98 -4.53 -7.98 -23.69
CA ASP C 98 -5.46 -8.99 -24.18
C ASP C 98 -5.52 -10.22 -23.28
N LEU C 99 -4.35 -10.72 -22.94
CA LEU C 99 -4.18 -11.88 -22.08
C LEU C 99 -4.95 -11.69 -20.76
N LEU C 100 -4.81 -10.53 -20.14
CA LEU C 100 -5.50 -10.27 -18.88
C LEU C 100 -6.99 -9.95 -19.09
N LYS C 101 -7.32 -9.30 -20.20
CA LYS C 101 -8.72 -9.00 -20.48
C LYS C 101 -9.49 -10.31 -20.59
N LYS C 102 -8.94 -11.28 -21.31
CA LYS C 102 -9.59 -12.57 -21.49
C LYS C 102 -9.66 -13.38 -20.20
N ALA C 103 -8.65 -13.24 -19.34
CA ALA C 103 -8.65 -13.94 -18.07
C ALA C 103 -9.77 -13.37 -17.20
N SER C 104 -9.99 -12.05 -17.30
CA SER C 104 -11.03 -11.40 -16.50
C SER C 104 -12.42 -11.75 -17.03
N GLU C 105 -12.50 -12.25 -18.26
CA GLU C 105 -13.77 -12.62 -18.86
C GLU C 105 -14.13 -14.07 -18.66
N GLU C 106 -13.21 -14.84 -18.07
CA GLU C 106 -13.45 -16.26 -17.79
C GLU C 106 -14.31 -16.36 -16.53
N ASP C 107 -14.91 -17.53 -16.30
CA ASP C 107 -15.77 -17.74 -15.14
C ASP C 107 -14.96 -18.20 -13.93
N HIS C 108 -14.86 -17.33 -12.93
CA HIS C 108 -14.09 -17.63 -11.71
C HIS C 108 -14.96 -18.07 -10.54
N THR C 109 -16.25 -18.31 -10.81
CA THR C 109 -17.21 -18.72 -9.80
C THR C 109 -16.71 -19.81 -8.87
N ASN C 110 -15.97 -20.76 -9.43
CA ASN C 110 -15.45 -21.89 -8.67
C ASN C 110 -14.08 -21.66 -8.04
N ALA C 111 -13.55 -20.44 -8.14
CA ALA C 111 -12.24 -20.12 -7.57
C ALA C 111 -12.33 -19.21 -6.35
N ALA C 112 -11.38 -19.35 -5.44
CA ALA C 112 -11.34 -18.54 -4.23
C ALA C 112 -10.66 -17.20 -4.46
N CYS C 113 -9.72 -17.16 -5.41
CA CYS C 113 -9.01 -15.90 -5.69
C CYS C 113 -8.29 -15.90 -7.03
N PHE C 114 -7.64 -14.78 -7.33
CA PHE C 114 -6.88 -14.63 -8.57
C PHE C 114 -5.51 -14.03 -8.29
N ALA C 115 -4.49 -14.54 -8.97
CA ALA C 115 -3.13 -14.03 -8.79
C ALA C 115 -2.46 -13.77 -10.14
N CYS C 116 -1.67 -12.70 -10.19
CA CYS C 116 -0.92 -12.33 -11.39
C CYS C 116 0.44 -11.79 -10.97
N ILE C 117 1.48 -12.30 -11.61
CA ILE C 117 2.84 -11.89 -11.32
C ILE C 117 3.45 -11.29 -12.58
N LEU C 118 4.01 -10.09 -12.47
CA LEU C 118 4.61 -9.41 -13.60
C LEU C 118 6.11 -9.20 -13.39
N LEU C 119 6.89 -9.78 -14.32
CA LEU C 119 8.34 -9.68 -14.28
C LEU C 119 8.84 -8.91 -15.51
N SER C 120 9.33 -7.70 -15.32
CA SER C 120 9.80 -6.90 -16.46
C SER C 120 10.46 -5.58 -16.05
N HIS C 121 10.75 -4.76 -17.05
CA HIS C 121 11.32 -3.42 -16.83
C HIS C 121 10.12 -2.54 -16.53
N GLY C 122 10.37 -1.42 -15.87
CA GLY C 122 9.27 -0.53 -15.55
C GLY C 122 9.76 0.81 -15.06
N GLU C 123 8.85 1.79 -15.10
CA GLU C 123 9.11 3.14 -14.64
C GLU C 123 7.90 3.41 -13.75
N GLU C 124 7.81 4.59 -13.15
CA GLU C 124 6.68 4.85 -12.26
C GLU C 124 5.30 4.69 -12.92
N ASN C 125 4.48 3.83 -12.31
CA ASN C 125 3.12 3.54 -12.76
C ASN C 125 3.03 2.80 -14.07
N VAL C 126 4.17 2.32 -14.55
CA VAL C 126 4.19 1.69 -15.85
C VAL C 126 5.05 0.42 -15.94
N ILE C 127 4.69 -0.49 -16.84
CA ILE C 127 5.47 -1.72 -17.05
C ILE C 127 5.76 -1.87 -18.54
N TYR C 128 6.95 -2.39 -18.83
CA TYR C 128 7.37 -2.61 -20.20
C TYR C 128 6.92 -3.92 -20.81
N GLY C 129 6.48 -3.84 -22.06
CA GLY C 129 6.13 -5.00 -22.83
C GLY C 129 7.37 -5.05 -23.70
N LYS C 130 7.54 -6.02 -24.57
CA LYS C 130 8.76 -6.00 -25.37
C LYS C 130 8.68 -4.84 -26.36
N ASP C 131 7.44 -4.45 -26.60
CA ASP C 131 6.98 -3.40 -27.50
C ASP C 131 7.28 -1.99 -27.01
N GLY C 132 7.02 -1.77 -25.73
CA GLY C 132 7.22 -0.47 -25.13
C GLY C 132 6.60 -0.43 -23.75
N VAL C 133 5.90 0.64 -23.44
CA VAL C 133 5.28 0.82 -22.12
C VAL C 133 3.74 0.84 -22.06
N THR C 134 3.19 0.27 -20.99
CA THR C 134 1.75 0.24 -20.77
C THR C 134 1.45 0.46 -19.27
N PRO C 135 0.40 1.24 -18.95
CA PRO C 135 -0.02 1.56 -17.57
C PRO C 135 -0.45 0.35 -16.74
N ILE C 136 0.09 0.23 -15.52
CA ILE C 136 -0.28 -0.87 -14.64
C ILE C 136 -1.77 -0.80 -14.31
N LYS C 137 -2.28 0.42 -14.17
CA LYS C 137 -3.68 0.62 -13.87
C LYS C 137 -4.58 0.00 -14.93
N ASP C 138 -4.22 0.15 -16.20
CA ASP C 138 -5.03 -0.41 -17.27
C ASP C 138 -4.99 -1.94 -17.25
N LEU C 139 -3.88 -2.50 -16.81
CA LEU C 139 -3.76 -3.95 -16.75
C LEU C 139 -4.64 -4.55 -15.66
N THR C 140 -4.70 -3.88 -14.51
CA THR C 140 -5.47 -4.36 -13.39
C THR C 140 -6.95 -3.96 -13.38
N ALA C 141 -7.30 -2.95 -14.16
CA ALA C 141 -8.68 -2.47 -14.23
C ALA C 141 -9.65 -3.53 -14.74
N HIS C 142 -9.15 -4.47 -15.53
CA HIS C 142 -9.97 -5.54 -16.07
C HIS C 142 -10.65 -6.35 -14.96
N PHE C 143 -10.07 -6.34 -13.76
CA PHE C 143 -10.64 -7.12 -12.68
C PHE C 143 -11.42 -6.32 -11.64
N ARG C 144 -11.80 -5.10 -11.99
CA ARG C 144 -12.58 -4.28 -11.06
C ARG C 144 -13.86 -5.05 -10.83
N GLY C 145 -14.53 -4.74 -9.73
CA GLY C 145 -15.76 -5.43 -9.38
C GLY C 145 -16.87 -5.34 -10.41
N ASP C 146 -16.88 -4.28 -11.20
CA ASP C 146 -17.92 -4.12 -12.20
C ASP C 146 -17.59 -4.73 -13.55
N ARG C 147 -16.34 -5.16 -13.74
CA ARG C 147 -15.92 -5.73 -15.02
C ARG C 147 -15.55 -7.21 -14.97
N CYS C 148 -15.55 -7.77 -13.77
CA CYS C 148 -15.25 -9.18 -13.56
C CYS C 148 -16.07 -9.61 -12.36
N LYS C 149 -17.37 -9.75 -12.58
CA LYS C 149 -18.31 -10.10 -11.52
C LYS C 149 -18.08 -11.43 -10.81
N THR C 150 -17.39 -12.38 -11.45
CA THR C 150 -17.16 -13.65 -10.78
C THR C 150 -15.99 -13.62 -9.80
N LEU C 151 -15.29 -12.48 -9.72
CA LEU C 151 -14.18 -12.35 -8.77
C LEU C 151 -14.57 -11.31 -7.70
N LEU C 152 -15.82 -10.88 -7.78
CA LEU C 152 -16.36 -9.91 -6.83
C LEU C 152 -16.26 -10.47 -5.42
N GLU C 153 -15.74 -9.67 -4.50
CA GLU C 153 -15.58 -10.07 -3.10
C GLU C 153 -14.51 -11.15 -2.92
N LYS C 154 -13.72 -11.36 -3.97
CA LYS C 154 -12.65 -12.35 -3.91
C LYS C 154 -11.33 -11.60 -4.03
N PRO C 155 -10.30 -12.02 -3.30
CA PRO C 155 -9.02 -11.33 -3.39
C PRO C 155 -8.35 -11.46 -4.76
N LYS C 156 -7.87 -10.33 -5.27
CA LYS C 156 -7.20 -10.24 -6.57
C LYS C 156 -5.78 -9.71 -6.32
N LEU C 157 -4.80 -10.60 -6.43
CA LEU C 157 -3.40 -10.27 -6.14
C LEU C 157 -2.46 -10.02 -7.32
N PHE C 158 -1.63 -9.00 -7.20
CA PHE C 158 -0.65 -8.67 -8.23
C PHE C 158 0.74 -8.49 -7.64
N PHE C 159 1.68 -9.33 -8.04
CA PHE C 159 3.05 -9.22 -7.56
C PHE C 159 3.83 -8.60 -8.71
N ILE C 160 4.52 -7.50 -8.44
CA ILE C 160 5.24 -6.78 -9.49
C ILE C 160 6.72 -6.54 -9.24
N GLN C 161 7.54 -7.21 -10.05
CA GLN C 161 8.99 -7.08 -9.99
C GLN C 161 9.38 -6.23 -11.21
N ALA C 162 9.61 -4.95 -10.96
CA ALA C 162 9.97 -4.00 -12.01
C ALA C 162 10.35 -2.69 -11.35
N CYS C 163 11.16 -1.87 -12.02
CA CYS C 163 11.56 -0.59 -11.44
C CYS C 163 10.38 0.38 -11.49
N ARG C 164 10.48 1.45 -10.70
CA ARG C 164 9.42 2.44 -10.64
C ARG C 164 10.03 3.84 -10.71
N GLY C 165 11.21 3.91 -11.30
CA GLY C 165 11.92 5.17 -11.40
C GLY C 165 13.39 4.87 -11.24
N THR C 166 14.21 5.89 -11.06
CA THR C 166 15.64 5.66 -10.92
C THR C 166 16.29 6.21 -9.66
N GLU C 167 15.54 6.29 -8.57
CA GLU C 167 16.11 6.76 -7.32
C GLU C 167 16.84 5.60 -6.66
N LEU C 168 17.92 5.92 -5.95
CA LEU C 168 18.74 4.93 -5.26
C LEU C 168 18.63 5.04 -3.75
N ASP C 169 18.60 3.90 -3.08
CA ASP C 169 18.53 3.89 -1.62
C ASP C 169 19.91 3.44 -1.14
N ASP C 170 20.70 4.39 -0.64
CA ASP C 170 22.03 4.10 -0.15
C ASP C 170 22.02 3.43 1.21
N GLY C 171 20.92 3.59 1.93
CA GLY C 171 20.81 2.97 3.24
C GLY C 171 21.37 3.86 4.34
N ILE C 172 21.33 3.35 5.57
CA ILE C 172 21.83 4.09 6.72
C ILE C 172 22.39 3.10 7.74
N GLN C 173 23.02 3.63 8.79
CA GLN C 173 23.61 2.81 9.84
C GLN C 173 24.53 1.76 9.22
N LYS D 6 -24.14 -2.77 -2.21
CA LYS D 6 -23.06 -2.61 -3.22
C LYS D 6 -21.65 -2.67 -2.64
N ILE D 7 -20.69 -3.06 -3.49
CA ILE D 7 -19.29 -3.16 -3.12
C ILE D 7 -18.49 -2.25 -4.04
N PRO D 8 -17.47 -1.55 -3.50
CA PRO D 8 -16.63 -0.64 -4.29
C PRO D 8 -15.96 -1.42 -5.42
N VAL D 9 -15.92 -0.84 -6.63
CA VAL D 9 -15.33 -1.56 -7.76
C VAL D 9 -13.84 -1.79 -7.57
N GLU D 10 -13.18 -0.92 -6.81
CA GLU D 10 -11.75 -1.04 -6.55
C GLU D 10 -11.38 -1.85 -5.31
N ALA D 11 -12.38 -2.40 -4.62
CA ALA D 11 -12.14 -3.19 -3.43
C ALA D 11 -11.59 -4.59 -3.69
N ASP D 12 -10.86 -5.09 -2.69
CA ASP D 12 -10.28 -6.43 -2.70
C ASP D 12 -9.10 -6.65 -3.64
N PHE D 13 -8.30 -5.62 -3.84
CA PHE D 13 -7.11 -5.74 -4.67
C PHE D 13 -5.93 -5.65 -3.72
N LEU D 14 -4.82 -6.27 -4.10
CA LEU D 14 -3.60 -6.20 -3.33
C LEU D 14 -2.44 -6.20 -4.30
N PHE D 15 -1.57 -5.19 -4.16
CA PHE D 15 -0.41 -5.07 -5.03
C PHE D 15 0.85 -5.21 -4.21
N ALA D 16 1.65 -6.24 -4.51
CA ALA D 16 2.90 -6.44 -3.81
C ALA D 16 4.00 -5.97 -4.74
N TYR D 17 4.47 -4.74 -4.54
CA TYR D 17 5.52 -4.15 -5.36
C TYR D 17 6.92 -4.43 -4.81
N SER D 18 7.84 -4.79 -5.70
CA SER D 18 9.21 -5.09 -5.32
C SER D 18 9.96 -3.88 -4.74
N THR D 19 9.50 -2.68 -5.08
CA THR D 19 10.16 -1.47 -4.61
C THR D 19 9.15 -0.35 -4.45
N VAL D 20 9.56 0.72 -3.76
CA VAL D 20 8.68 1.86 -3.54
C VAL D 20 8.67 2.80 -4.75
N PRO D 21 7.65 3.65 -4.83
CA PRO D 21 7.55 4.60 -5.95
C PRO D 21 8.82 5.40 -6.23
N GLY D 22 9.19 5.48 -7.51
CA GLY D 22 10.36 6.24 -7.89
C GLY D 22 11.74 5.62 -7.73
N TYR D 23 11.81 4.39 -7.25
CA TYR D 23 13.12 3.76 -7.06
C TYR D 23 13.41 2.60 -7.99
N TYR D 24 14.67 2.18 -8.00
CA TYR D 24 15.12 1.05 -8.80
C TYR D 24 14.66 -0.20 -8.09
N SER D 25 14.85 -1.33 -8.76
CA SER D 25 14.51 -2.63 -8.22
C SER D 25 15.70 -3.47 -8.65
N TRP D 26 16.28 -4.25 -7.73
CA TRP D 26 17.46 -5.03 -8.05
C TRP D 26 17.29 -6.49 -8.42
N ARG D 27 18.04 -6.91 -9.44
CA ARG D 27 17.99 -8.28 -9.95
C ARG D 27 19.38 -8.86 -10.18
N SER D 28 19.59 -10.10 -9.73
CA SER D 28 20.88 -10.76 -9.90
C SER D 28 20.78 -11.73 -11.08
N PRO D 29 21.62 -11.53 -12.11
CA PRO D 29 21.63 -12.39 -13.30
C PRO D 29 21.82 -13.86 -12.96
N GLY D 30 22.47 -14.11 -11.82
CA GLY D 30 22.71 -15.47 -11.39
C GLY D 30 21.71 -16.05 -10.43
N ARG D 31 21.17 -15.24 -9.52
CA ARG D 31 20.21 -15.75 -8.54
C ARG D 31 18.78 -15.25 -8.72
N GLY D 32 18.59 -14.27 -9.59
CA GLY D 32 17.25 -13.71 -9.79
C GLY D 32 17.07 -12.43 -8.98
N SER D 33 15.92 -11.78 -9.11
CA SER D 33 15.69 -10.52 -8.38
C SER D 33 15.57 -10.74 -6.88
N TRP D 34 15.93 -9.71 -6.11
CA TRP D 34 15.86 -9.79 -4.65
C TRP D 34 14.47 -10.09 -4.12
N PHE D 35 13.50 -9.30 -4.59
CA PHE D 35 12.12 -9.45 -4.17
C PHE D 35 11.57 -10.85 -4.41
N VAL D 36 11.80 -11.41 -5.60
CA VAL D 36 11.30 -12.76 -5.90
C VAL D 36 11.99 -13.83 -5.08
N GLN D 37 13.31 -13.73 -4.93
CA GLN D 37 14.07 -14.68 -4.14
C GLN D 37 13.42 -14.76 -2.75
N ALA D 38 13.28 -13.59 -2.12
CA ALA D 38 12.68 -13.49 -0.81
C ALA D 38 11.27 -14.05 -0.79
N LEU D 39 10.42 -13.56 -1.68
CA LEU D 39 9.04 -14.00 -1.76
C LEU D 39 8.89 -15.51 -1.75
N CYS D 40 9.57 -16.17 -2.69
CA CYS D 40 9.49 -17.64 -2.77
C CYS D 40 10.03 -18.31 -1.51
N SER D 41 11.12 -17.78 -0.96
CA SER D 41 11.70 -18.33 0.25
C SER D 41 10.71 -18.34 1.41
N ILE D 42 10.05 -17.20 1.64
CA ILE D 42 9.08 -17.09 2.72
C ILE D 42 7.84 -17.93 2.44
N LEU D 43 7.35 -17.91 1.19
CA LEU D 43 6.17 -18.70 0.83
C LEU D 43 6.40 -20.20 1.00
N GLU D 44 7.61 -20.65 0.68
CA GLU D 44 7.95 -22.06 0.81
C GLU D 44 7.84 -22.51 2.26
N GLU D 45 8.24 -21.63 3.18
CA GLU D 45 8.21 -21.93 4.60
C GLU D 45 6.90 -21.62 5.33
N HIS D 46 6.23 -20.53 4.96
CA HIS D 46 4.99 -20.14 5.63
C HIS D 46 3.76 -19.87 4.78
N GLY D 47 3.87 -20.03 3.47
CA GLY D 47 2.75 -19.76 2.60
C GLY D 47 1.45 -20.45 2.99
N LYS D 48 1.57 -21.53 3.75
CA LYS D 48 0.41 -22.32 4.15
C LYS D 48 -0.09 -22.08 5.58
N ASP D 49 0.57 -21.22 6.34
CA ASP D 49 0.13 -20.99 7.71
C ASP D 49 0.13 -19.55 8.19
N LEU D 50 0.50 -18.60 7.32
CA LEU D 50 0.50 -17.20 7.72
C LEU D 50 -0.45 -16.37 6.85
N GLU D 51 -0.88 -15.23 7.39
CA GLU D 51 -1.78 -14.33 6.66
C GLU D 51 -0.94 -13.63 5.57
N ILE D 52 -1.58 -13.28 4.45
CA ILE D 52 -0.86 -12.65 3.34
C ILE D 52 -0.02 -11.44 3.76
N MET D 53 -0.54 -10.61 4.68
CA MET D 53 0.20 -9.44 5.15
C MET D 53 1.38 -9.84 6.03
N GLN D 54 1.24 -10.92 6.80
CA GLN D 54 2.34 -11.39 7.64
C GLN D 54 3.48 -11.84 6.73
N ILE D 55 3.10 -12.52 5.66
CA ILE D 55 4.04 -13.03 4.67
C ILE D 55 4.79 -11.88 3.99
N LEU D 56 4.05 -10.90 3.48
CA LEU D 56 4.67 -9.79 2.77
C LEU D 56 5.49 -8.89 3.68
N THR D 57 5.14 -8.86 4.97
CA THR D 57 5.89 -8.05 5.91
C THR D 57 7.23 -8.74 6.17
N ARG D 58 7.21 -10.06 6.26
CA ARG D 58 8.46 -10.81 6.45
C ARG D 58 9.29 -10.66 5.18
N VAL D 59 8.62 -10.59 4.03
CA VAL D 59 9.31 -10.41 2.75
C VAL D 59 9.98 -9.04 2.76
N ASN D 60 9.27 -8.03 3.28
CA ASN D 60 9.83 -6.70 3.34
C ASN D 60 11.09 -6.70 4.18
N ASP D 61 11.00 -7.33 5.35
CA ASP D 61 12.12 -7.41 6.26
C ASP D 61 13.33 -8.14 5.67
N ARG D 62 13.07 -9.21 4.93
CA ARG D 62 14.14 -9.99 4.33
C ARG D 62 14.88 -9.24 3.23
N VAL D 63 14.14 -8.60 2.34
CA VAL D 63 14.75 -7.84 1.26
C VAL D 63 15.59 -6.69 1.84
N ALA D 64 15.03 -6.00 2.82
CA ALA D 64 15.71 -4.87 3.45
C ALA D 64 16.96 -5.25 4.22
N ARG D 65 16.93 -6.40 4.88
CA ARG D 65 18.08 -6.83 5.68
C ARG D 65 19.15 -7.66 5.00
N HIS D 66 18.78 -8.80 4.44
CA HIS D 66 19.75 -9.68 3.82
C HIS D 66 20.22 -9.32 2.42
N PHE D 67 19.96 -8.09 1.97
CA PHE D 67 20.39 -7.70 0.63
C PHE D 67 21.05 -6.34 0.50
N GLU D 68 22.22 -6.34 -0.14
CA GLU D 68 22.99 -5.12 -0.40
C GLU D 68 23.75 -5.35 -1.69
N SER D 69 23.60 -4.44 -2.65
CA SER D 69 24.24 -4.60 -3.95
C SER D 69 25.74 -4.40 -4.01
N GLN D 70 26.26 -4.74 -5.18
CA GLN D 70 27.67 -4.64 -5.50
C GLN D 70 27.81 -4.55 -7.01
N SER D 71 28.50 -3.51 -7.48
CA SER D 71 28.69 -3.30 -8.91
C SER D 71 29.97 -2.51 -9.18
N ASP D 72 30.57 -2.73 -10.35
CA ASP D 72 31.79 -2.01 -10.71
C ASP D 72 31.46 -0.53 -10.68
N ASP D 73 30.28 -0.20 -11.21
CA ASP D 73 29.79 1.18 -11.23
C ASP D 73 29.41 1.57 -9.81
N PRO D 74 30.16 2.51 -9.20
CA PRO D 74 29.89 2.97 -7.83
C PRO D 74 28.47 3.48 -7.60
N HIS D 75 27.83 3.93 -8.67
CA HIS D 75 26.46 4.45 -8.60
C HIS D 75 25.48 3.31 -8.34
N PHE D 76 25.96 2.08 -8.45
CA PHE D 76 25.14 0.87 -8.22
C PHE D 76 25.79 -0.01 -7.16
N HIS D 77 26.69 0.57 -6.36
CA HIS D 77 27.39 -0.19 -5.32
C HIS D 77 26.87 0.06 -3.90
N GLU D 78 26.72 -1.02 -3.13
CA GLU D 78 26.24 -0.95 -1.75
C GLU D 78 24.86 -0.30 -1.63
N LYS D 79 23.95 -0.70 -2.51
CA LYS D 79 22.60 -0.15 -2.52
C LYS D 79 21.56 -1.05 -1.83
N LYS D 80 20.53 -0.42 -1.26
CA LYS D 80 19.48 -1.14 -0.54
C LYS D 80 18.13 -1.13 -1.26
N GLN D 81 17.18 -1.87 -0.71
CA GLN D 81 15.84 -1.96 -1.31
C GLN D 81 14.78 -2.33 -0.28
N ILE D 82 13.61 -1.72 -0.41
CA ILE D 82 12.48 -2.01 0.46
C ILE D 82 11.23 -2.16 -0.41
N PRO D 83 10.51 -3.28 -0.31
CA PRO D 83 9.32 -3.48 -1.13
C PRO D 83 8.18 -2.58 -0.68
N CYS D 84 7.08 -2.64 -1.42
CA CYS D 84 5.91 -1.80 -1.15
C CYS D 84 4.60 -2.60 -1.30
N VAL D 85 3.85 -2.72 -0.21
CA VAL D 85 2.59 -3.46 -0.25
C VAL D 85 1.40 -2.52 -0.22
N VAL D 86 0.52 -2.62 -1.21
CA VAL D 86 -0.67 -1.78 -1.25
C VAL D 86 -1.88 -2.68 -1.08
N SER D 87 -2.61 -2.50 0.01
CA SER D 87 -3.78 -3.34 0.23
C SER D 87 -5.13 -2.65 0.26
N MET D 88 -6.07 -3.24 -0.45
CA MET D 88 -7.45 -2.78 -0.53
C MET D 88 -8.30 -3.99 -0.11
N LEU D 89 -7.67 -4.94 0.55
CA LEU D 89 -8.37 -6.14 1.00
C LEU D 89 -9.29 -5.79 2.16
N THR D 90 -10.45 -6.45 2.21
CA THR D 90 -11.42 -6.20 3.26
C THR D 90 -11.51 -7.33 4.27
N LYS D 91 -10.70 -8.37 4.07
CA LYS D 91 -10.67 -9.52 4.98
C LYS D 91 -9.23 -10.03 5.07
N GLU D 92 -9.00 -10.95 5.98
CA GLU D 92 -7.69 -11.55 6.16
C GLU D 92 -7.63 -12.67 5.13
N LEU D 93 -6.45 -12.89 4.56
CA LEU D 93 -6.27 -13.93 3.54
C LEU D 93 -5.29 -15.04 3.93
N TYR D 94 -5.78 -16.27 3.90
CA TYR D 94 -4.99 -17.46 4.21
C TYR D 94 -5.13 -18.40 3.01
N PHE D 95 -4.03 -19.03 2.58
CA PHE D 95 -4.08 -19.94 1.43
C PHE D 95 -4.43 -21.39 1.75
N SER D 96 -5.06 -21.64 2.90
CA SER D 96 -5.40 -23.02 3.26
C SER D 96 -6.82 -23.24 3.79
N GLN D 97 -7.09 -24.49 4.17
CA GLN D 97 -8.38 -24.94 4.70
C GLN D 97 -9.62 -24.31 4.07
N ILE E 2 -23.75 14.68 1.39
CA ILE E 2 -22.33 14.37 1.63
C ILE E 2 -21.38 15.22 0.77
N GLU E 3 -20.31 15.68 1.40
CA GLU E 3 -19.31 16.51 0.73
C GLU E 3 -18.00 15.77 0.49
N PRO E 4 -17.30 16.09 -0.61
CA PRO E 4 -16.03 15.46 -0.97
C PRO E 4 -14.79 16.16 -0.38
N ILE F 2 25.03 -6.82 -9.71
CA ILE F 2 23.59 -6.73 -9.92
C ILE F 2 23.18 -5.74 -11.02
N GLU F 3 21.93 -5.86 -11.45
CA GLU F 3 21.37 -5.00 -12.46
C GLU F 3 20.00 -4.46 -12.05
N PRO F 4 19.63 -3.28 -12.56
CA PRO F 4 18.35 -2.64 -12.26
C PRO F 4 17.19 -3.07 -13.18
N GLN G 1 2.18 -10.97 19.98
CA GLN G 1 0.80 -11.40 20.33
C GLN G 1 0.49 -12.79 19.77
N GLY G 2 -0.79 -13.04 19.51
CA GLY G 2 -1.21 -14.32 18.97
C GLY G 2 -2.10 -14.22 17.75
N HIS G 3 -1.54 -14.54 16.58
CA HIS G 3 -2.26 -14.50 15.30
C HIS G 3 -2.70 -15.93 15.03
N GLY G 4 -4.00 -16.14 14.81
CA GLY G 4 -4.48 -17.48 14.54
C GLY G 4 -5.64 -17.55 13.57
N GLU G 5 -5.69 -18.61 12.76
CA GLU G 5 -6.76 -18.82 11.80
C GLU G 5 -8.08 -19.08 12.51
#